data_7LX5
#
_entry.id   7LX5
#
_cell.length_a   1.00
_cell.length_b   1.00
_cell.length_c   1.00
_cell.angle_alpha   90.00
_cell.angle_beta   90.00
_cell.angle_gamma   90.00
#
_symmetry.space_group_name_H-M   'P 1'
#
loop_
_entity.id
_entity.type
_entity.pdbx_description
1 polymer 'Spike glycoprotein'
2 polymer 'WNb 2'
3 polymer 'WNb 10'
#
loop_
_entity_poly.entity_id
_entity_poly.type
_entity_poly.pdbx_seq_one_letter_code
_entity_poly.pdbx_strand_id
1 'polypeptide(L)'
;MGGEGLRASPRRRPLLPLQPRGCPRGDGCLRGGRGRAGFGFWRVTGGSSASANHVHAFFFFLQLLGNVLVVVLSHHFGKE
LRPSQAEFGTATMFVFLVLLPLVSSQCVNLTTRTQLPPAYTNSFTRGVYYPDKVFRSSVLHSTQDLFLPFFSNVTWFHAI
HVSGTNGTKRFDNPVLPFNDGVYFASTEKSNIIRGWIFGTTLDSKTQSLLIVNNATNVVIKVCEFQFCNDPFLGVYYHKN
NKSWMESEFRVYSSANNCTFEYVSQPFLMDLEGKQGNFKNLREFVFKNIDGYFKIYSKHTPINLVRDLPQGFSALEPLVD
LPIGINITRFQTLLALHRSYLTPGDSSSGWTAGAAAYYVGYLQPRTFLLKYNENGTITDAVDCALDPLSETKCTLKSFTV
EKGIYQTSNFRVQPTESIVRFPNITNLCPFGEVFNATRFASVYAWNRKRISNCVADYSVLYNSASFSTFKCYGVSPTKLN
DLCFTNVYADSFVIRGDEVRQIAPGQTGKIADYNYKLPDDFTGCVIAWNSNNLDSKVGGNYNYLYRLFRKSNLKPFERDI
STEIYQAGSTPCNGVEGFNCYFPLQSYGFQPTNGVGYQPYRVVVLSFELLHAPATVCGPKKSTNLVKNKCVNFNFNGLTG
TGVLTESNKKFLPFQQFGRDIADTTDAVRDPQTLEILDITPCSFGGVSVITPGTNTSNQVAVLYQDVNCTEVPVAIHADQ
LTPTWRVYSTGSNVFQTRAGCLIGAEHVNNSYECDIPIGAGICASYQTQTNSPGSASSVASQSIIAYTMSLGAENSVAYS
NNSIAIPTNFTISVTTEILPVSMTKTSVDCTMYICGDSTECSNLLLQYGSFCTQLNRALTGIAVEQDKNTQEVFAQVKQI
YKTPPIKDFGGFNFSQILPDPSKPSKRSPIEDLLFNKVTLADAGFIKQYGDCLGDIAARDLICAQKFNGLTVLPPLLTDE
MIAQYTSALLAGTITSGWTFGAGPALQIPFPMQMAYRFNGIGVTQNVLYENQKLIANQFNSAIGKIQDSLSSTPSALGKL
QDVVNQNAQALNTLVKQLSSNFGAISSVLNDILSRLDPPEAEVQIDRLITGRLQSLQTYVTQQLIRAAEIRASANLAATK
MSECVLGQSKRVDFCGKGYHLMSFPQSAPHGVVFLHVTYVPAQEKNFTTAPAICHDGKAHFPREGVFVSNGTHWFVTQRN
FYEPQIITTDNTFVSGNCDVVIGIVNNTVYDPLQPELDSFKEELDKYFKNHTSPDVDLGDISGINASVVNIQKEIDRLNE
VAKNLNESLIDLQELGKYEQGSGYIPEAPRDGQAYVRKDGEWVLLSTFLGRSLEVLFQGPGHHHHHHHHSAWSHPQFEKG
GGSGGGGSGGSAWSHPQFEK
;
B
2 'polypeptide(L)'
;QVQLQESGGGLVQPGGSLRLSCAVSGFTLDYYAIGWFRQAPGKEREGVSCISSSGGNTKYADSVKGRFTASRDNAKNTFY
LQMNSLKPEDTAVYYCAAIAATYYSGSYYFQCPHDGMDYWGKGTQVTVSS
;
C
3 'polypeptide(L)'
;QVQLQESGGGLVQPGGSLRLSCAASGFTFRRYLMGWARQVPGKGLEWVSGIYSDGSTYYADSVKGRFTISRDNAKNTVYL
QMNSLKPEDTAVYYCAKDRMDGSTWPERDFGSWGQGTQVTVSS
;
A
#
# COMPACT_ATOMS: atom_id res chain seq x y z
N THR A 425 28.31 -14.89 -24.50
CA THR A 425 27.10 -15.60 -24.10
C THR A 425 25.94 -14.64 -23.92
N ASN A 426 24.91 -14.79 -24.75
CA ASN A 426 23.76 -13.90 -24.67
C ASN A 426 23.04 -14.09 -23.34
N LEU A 427 22.68 -12.98 -22.70
CA LEU A 427 22.03 -13.02 -21.41
C LEU A 427 20.55 -12.70 -21.54
N CYS A 428 19.79 -13.13 -20.55
CA CYS A 428 18.36 -12.83 -20.52
C CYS A 428 18.15 -11.35 -20.23
N PRO A 429 17.35 -10.67 -21.03
CA PRO A 429 17.19 -9.21 -20.86
C PRO A 429 16.30 -8.87 -19.67
N PHE A 430 16.80 -9.13 -18.47
CA PHE A 430 16.07 -8.71 -17.28
C PHE A 430 16.01 -7.20 -17.14
N GLY A 431 16.95 -6.48 -17.75
CA GLY A 431 16.92 -5.04 -17.66
C GLY A 431 15.70 -4.42 -18.32
N GLU A 432 15.24 -5.01 -19.41
CA GLU A 432 14.04 -4.50 -20.07
C GLU A 432 12.80 -4.62 -19.19
N VAL A 433 12.82 -5.50 -18.19
CA VAL A 433 11.67 -5.65 -17.31
C VAL A 433 11.77 -4.76 -16.09
N PHE A 434 12.90 -4.82 -15.38
CA PHE A 434 13.01 -4.09 -14.12
C PHE A 434 13.16 -2.59 -14.34
N ASN A 435 13.85 -2.18 -15.40
CA ASN A 435 14.11 -0.77 -15.65
C ASN A 435 13.17 -0.18 -16.71
N ALA A 436 11.98 -0.74 -16.85
CA ALA A 436 11.01 -0.17 -17.77
C ALA A 436 10.57 1.20 -17.27
N THR A 437 10.46 2.14 -18.20
CA THR A 437 10.11 3.51 -17.83
C THR A 437 8.70 3.58 -17.20
N ARG A 438 7.75 2.88 -17.78
CA ARG A 438 6.36 2.91 -17.32
C ARG A 438 5.91 1.52 -16.91
N PHE A 439 5.25 1.42 -15.76
CA PHE A 439 4.76 0.16 -15.24
C PHE A 439 3.23 0.14 -15.33
N ALA A 440 2.70 -0.97 -15.82
CA ALA A 440 1.26 -1.07 -16.01
C ALA A 440 0.55 -1.15 -14.67
N SER A 441 -0.73 -0.79 -14.68
CA SER A 441 -1.54 -0.85 -13.48
C SER A 441 -1.77 -2.30 -13.08
N VAL A 442 -2.17 -2.50 -11.83
CA VAL A 442 -2.33 -3.86 -11.31
C VAL A 442 -3.39 -4.63 -12.09
N TYR A 443 -4.56 -4.01 -12.32
CA TYR A 443 -5.65 -4.73 -12.97
C TYR A 443 -5.25 -5.18 -14.37
N ALA A 444 -4.62 -4.31 -15.15
CA ALA A 444 -4.08 -4.69 -16.46
C ALA A 444 -2.59 -5.00 -16.34
N TRP A 445 -2.27 -6.09 -15.67
CA TRP A 445 -0.88 -6.44 -15.41
C TRP A 445 -0.20 -6.96 -16.68
N ASN A 446 0.99 -6.42 -16.96
CA ASN A 446 1.74 -6.77 -18.14
C ASN A 446 2.58 -8.02 -17.92
N ARG A 447 2.57 -8.92 -18.89
CA ARG A 447 3.36 -10.14 -18.86
C ARG A 447 4.29 -10.20 -20.06
N LYS A 448 5.58 -10.41 -19.80
CA LYS A 448 6.59 -10.63 -20.83
C LYS A 448 7.16 -12.04 -20.69
N ARG A 449 7.27 -12.74 -21.82
CA ARG A 449 7.84 -14.08 -21.83
C ARG A 449 9.33 -14.02 -22.15
N ILE A 450 10.14 -14.66 -21.31
CA ILE A 450 11.59 -14.66 -21.45
C ILE A 450 12.01 -16.10 -21.74
N SER A 451 12.67 -16.31 -22.88
CA SER A 451 13.04 -17.66 -23.27
C SER A 451 14.35 -17.65 -24.03
N ASN A 452 14.99 -18.83 -24.05
CA ASN A 452 16.17 -19.11 -24.87
C ASN A 452 17.29 -18.11 -24.57
N CYS A 453 17.75 -18.11 -23.32
CA CYS A 453 18.83 -17.25 -22.87
C CYS A 453 19.34 -17.81 -21.55
N VAL A 454 20.36 -17.16 -20.99
CA VAL A 454 20.87 -17.51 -19.67
C VAL A 454 20.76 -16.28 -18.78
N ALA A 455 20.41 -16.49 -17.52
CA ALA A 455 20.14 -15.41 -16.59
C ALA A 455 20.94 -15.61 -15.33
N ASP A 456 21.59 -14.54 -14.86
CA ASP A 456 22.40 -14.59 -13.65
C ASP A 456 21.56 -14.03 -12.51
N TYR A 457 21.03 -14.93 -11.68
CA TYR A 457 20.17 -14.54 -10.57
C TYR A 457 20.91 -13.84 -9.46
N SER A 458 22.21 -13.58 -9.58
CA SER A 458 22.96 -12.99 -8.48
C SER A 458 23.13 -11.49 -8.62
N VAL A 459 22.80 -10.90 -9.76
CA VAL A 459 22.57 -9.47 -9.80
C VAL A 459 21.31 -9.10 -9.01
N LEU A 460 20.37 -10.04 -8.88
CA LEU A 460 19.18 -9.78 -8.08
C LEU A 460 19.49 -9.80 -6.59
N TYR A 461 20.04 -10.91 -6.08
CA TYR A 461 20.26 -11.02 -4.64
C TYR A 461 21.13 -9.89 -4.12
N ASN A 462 22.24 -9.64 -4.80
CA ASN A 462 23.22 -8.67 -4.32
C ASN A 462 22.88 -7.26 -4.78
N SER A 463 21.62 -6.88 -4.54
CA SER A 463 21.16 -5.52 -4.76
C SER A 463 20.40 -5.06 -3.53
N ALA A 464 20.44 -3.76 -3.29
CA ALA A 464 19.84 -3.20 -2.09
C ALA A 464 18.51 -2.53 -2.35
N SER A 465 18.16 -2.30 -3.61
CA SER A 465 16.84 -1.73 -3.91
C SER A 465 15.73 -2.68 -3.46
N PHE A 466 15.86 -3.95 -3.78
CA PHE A 466 14.77 -4.89 -3.56
C PHE A 466 14.54 -5.08 -2.07
N SER A 467 13.45 -4.54 -1.56
CA SER A 467 13.10 -4.76 -0.16
C SER A 467 12.52 -6.14 0.04
N THR A 468 11.81 -6.67 -0.95
CA THR A 468 11.14 -7.95 -0.85
C THR A 468 11.69 -8.90 -1.91
N PHE A 469 12.27 -10.01 -1.47
CA PHE A 469 12.71 -11.08 -2.35
C PHE A 469 12.35 -12.39 -1.67
N LYS A 470 11.27 -13.02 -2.09
CA LYS A 470 10.82 -14.25 -1.47
C LYS A 470 10.54 -15.27 -2.57
N CYS A 471 10.84 -16.53 -2.30
CA CYS A 471 10.65 -17.59 -3.29
C CYS A 471 9.82 -18.72 -2.70
N TYR A 472 9.10 -19.41 -3.58
CA TYR A 472 8.19 -20.48 -3.20
C TYR A 472 8.52 -21.73 -4.01
N GLY A 473 8.71 -22.84 -3.32
CA GLY A 473 8.92 -24.11 -4.00
C GLY A 473 10.34 -24.39 -4.41
N VAL A 474 11.21 -23.39 -4.35
CA VAL A 474 12.62 -23.55 -4.72
C VAL A 474 13.44 -22.69 -3.77
N SER A 475 14.76 -22.83 -3.86
CA SER A 475 15.65 -22.11 -2.97
C SER A 475 16.63 -21.28 -3.78
N PRO A 476 16.82 -19.99 -3.43
CA PRO A 476 17.66 -19.10 -4.24
C PRO A 476 18.96 -19.69 -4.75
N THR A 477 19.66 -20.44 -3.88
CA THR A 477 20.93 -21.04 -4.29
C THR A 477 20.73 -22.04 -5.42
N LYS A 478 19.65 -22.82 -5.34
CA LYS A 478 19.37 -23.84 -6.35
C LYS A 478 19.14 -23.22 -7.73
N LEU A 479 18.67 -21.97 -7.78
CA LEU A 479 18.26 -21.38 -9.04
C LEU A 479 19.36 -21.42 -10.09
N ASN A 480 20.61 -21.16 -9.68
CA ASN A 480 21.72 -21.21 -10.62
C ASN A 480 21.89 -22.60 -11.21
N ASP A 481 21.65 -23.64 -10.42
CA ASP A 481 21.91 -25.00 -10.84
C ASP A 481 20.74 -25.65 -11.59
N LEU A 482 19.65 -24.94 -11.81
CA LEU A 482 18.48 -25.55 -12.44
C LEU A 482 18.22 -24.94 -13.82
N CYS A 483 17.40 -25.65 -14.61
CA CYS A 483 17.02 -25.20 -15.93
C CYS A 483 15.51 -25.19 -16.08
N PHE A 484 15.01 -24.26 -16.90
CA PHE A 484 13.59 -24.06 -17.10
C PHE A 484 13.33 -23.71 -18.56
N THR A 485 12.29 -24.32 -19.13
CA THR A 485 11.96 -24.05 -20.53
C THR A 485 11.52 -22.60 -20.75
N ASN A 486 10.75 -22.04 -19.82
CA ASN A 486 10.20 -20.71 -20.01
C ASN A 486 10.04 -20.02 -18.66
N VAL A 487 10.40 -18.74 -18.62
CA VAL A 487 10.17 -17.90 -17.45
C VAL A 487 9.25 -16.76 -17.84
N TYR A 488 8.20 -16.54 -17.05
CA TYR A 488 7.27 -15.44 -17.25
C TYR A 488 7.52 -14.34 -16.22
N ALA A 489 7.44 -13.09 -16.67
CA ALA A 489 7.64 -11.93 -15.81
C ALA A 489 6.38 -11.09 -15.77
N ASP A 490 5.65 -11.16 -14.66
CA ASP A 490 4.47 -10.34 -14.44
C ASP A 490 4.86 -9.09 -13.65
N SER A 491 4.46 -7.92 -14.13
CA SER A 491 4.85 -6.67 -13.50
C SER A 491 3.66 -5.75 -13.32
N PHE A 492 3.64 -5.02 -12.20
CA PHE A 492 2.55 -4.11 -11.87
C PHE A 492 2.95 -3.31 -10.63
N VAL A 493 2.08 -2.38 -10.24
CA VAL A 493 2.29 -1.49 -9.10
C VAL A 493 1.14 -1.64 -8.12
N ILE A 494 1.45 -1.73 -6.83
CA ILE A 494 0.45 -1.78 -5.77
C ILE A 494 0.94 -0.97 -4.58
N ARG A 495 0.13 -0.94 -3.53
CA ARG A 495 0.49 -0.29 -2.27
C ARG A 495 1.43 -1.15 -1.45
N GLY A 496 2.16 -0.49 -0.56
CA GLY A 496 3.06 -1.19 0.34
C GLY A 496 2.40 -2.27 1.17
N ASP A 497 1.39 -1.92 1.98
CA ASP A 497 0.74 -2.91 2.81
C ASP A 497 -0.02 -3.96 2.01
N GLU A 498 -0.07 -3.84 0.69
CA GLU A 498 -0.75 -4.81 -0.15
C GLU A 498 0.19 -5.85 -0.74
N VAL A 499 1.50 -5.66 -0.63
CA VAL A 499 2.45 -6.63 -1.17
C VAL A 499 2.29 -7.98 -0.48
N ARG A 500 1.84 -7.98 0.77
CA ARG A 500 1.62 -9.23 1.49
C ARG A 500 0.58 -10.09 0.81
N GLN A 501 -0.26 -9.52 -0.04
CA GLN A 501 -1.28 -10.30 -0.75
C GLN A 501 -0.72 -11.05 -1.96
N ILE A 502 0.47 -10.70 -2.43
CA ILE A 502 1.05 -11.37 -3.60
C ILE A 502 1.78 -12.60 -3.07
N ALA A 503 1.00 -13.65 -2.80
CA ALA A 503 1.53 -14.90 -2.31
C ALA A 503 0.42 -15.95 -2.40
N PRO A 504 0.78 -17.23 -2.49
CA PRO A 504 -0.26 -18.27 -2.50
C PRO A 504 -1.05 -18.27 -1.21
N GLY A 505 -2.34 -18.58 -1.33
CA GLY A 505 -3.19 -18.71 -0.16
C GLY A 505 -3.47 -17.43 0.59
N GLN A 506 -3.33 -16.27 -0.05
CA GLN A 506 -3.63 -15.01 0.59
C GLN A 506 -4.98 -14.47 0.11
N THR A 507 -5.58 -13.62 0.93
CA THR A 507 -6.86 -13.00 0.63
C THR A 507 -6.75 -11.48 0.76
N GLY A 508 -7.78 -10.79 0.28
CA GLY A 508 -7.76 -9.34 0.15
C GLY A 508 -8.22 -8.91 -1.23
N LYS A 509 -8.38 -7.59 -1.36
CA LYS A 509 -8.94 -7.05 -2.60
C LYS A 509 -8.04 -7.32 -3.79
N ILE A 510 -6.73 -7.20 -3.61
CA ILE A 510 -5.81 -7.45 -4.72
C ILE A 510 -5.79 -8.92 -5.08
N ALA A 511 -5.58 -9.78 -4.07
CA ALA A 511 -5.47 -11.21 -4.34
C ALA A 511 -6.77 -11.82 -4.86
N ASP A 512 -7.91 -11.30 -4.43
CA ASP A 512 -9.17 -11.90 -4.85
C ASP A 512 -9.62 -11.40 -6.22
N TYR A 513 -9.37 -10.14 -6.53
CA TYR A 513 -9.99 -9.52 -7.69
C TYR A 513 -9.04 -9.07 -8.78
N ASN A 514 -7.73 -8.99 -8.53
CA ASN A 514 -6.81 -8.42 -9.50
C ASN A 514 -5.76 -9.41 -9.99
N TYR A 515 -5.04 -10.04 -9.08
CA TYR A 515 -3.94 -10.93 -9.46
C TYR A 515 -3.88 -12.05 -8.45
N LYS A 516 -4.06 -13.29 -8.91
CA LYS A 516 -4.14 -14.45 -8.03
C LYS A 516 -3.09 -15.46 -8.45
N LEU A 517 -2.33 -15.95 -7.47
CA LEU A 517 -1.32 -16.96 -7.80
C LEU A 517 -1.83 -18.35 -7.44
N PRO A 518 -1.49 -19.35 -8.24
CA PRO A 518 -1.97 -20.71 -7.97
C PRO A 518 -1.35 -21.28 -6.71
N ASP A 519 -1.97 -22.34 -6.21
CA ASP A 519 -1.53 -22.94 -4.94
C ASP A 519 -0.12 -23.54 -5.07
N ASP A 520 0.20 -24.12 -6.23
CA ASP A 520 1.48 -24.77 -6.44
C ASP A 520 2.47 -23.85 -7.14
N PHE A 521 2.41 -22.56 -6.87
CA PHE A 521 3.28 -21.61 -7.55
C PHE A 521 4.75 -21.88 -7.21
N THR A 522 5.57 -22.00 -8.25
CA THR A 522 7.01 -22.20 -8.09
C THR A 522 7.72 -21.02 -8.73
N GLY A 523 8.20 -20.09 -7.91
CA GLY A 523 8.87 -18.92 -8.43
C GLY A 523 9.23 -17.98 -7.30
N CYS A 524 9.64 -16.78 -7.68
CA CYS A 524 10.09 -15.79 -6.73
C CYS A 524 9.32 -14.49 -6.93
N VAL A 525 9.14 -13.75 -5.85
CA VAL A 525 8.41 -12.49 -5.86
C VAL A 525 9.36 -11.38 -5.49
N ILE A 526 9.46 -10.37 -6.35
CA ILE A 526 10.42 -9.28 -6.18
C ILE A 526 9.65 -7.96 -6.15
N ALA A 527 9.97 -7.11 -5.19
CA ALA A 527 9.30 -5.83 -5.06
C ALA A 527 10.28 -4.80 -4.51
N TRP A 528 10.09 -3.55 -4.89
CA TRP A 528 10.91 -2.48 -4.34
C TRP A 528 10.13 -1.18 -4.32
N ASN A 529 10.53 -0.30 -3.41
CA ASN A 529 9.87 0.99 -3.27
C ASN A 529 10.19 1.89 -4.46
N SER A 530 9.16 2.50 -5.03
CA SER A 530 9.31 3.34 -6.22
C SER A 530 8.76 4.74 -6.00
N ASN A 531 8.84 5.24 -4.76
CA ASN A 531 8.24 6.54 -4.43
C ASN A 531 8.84 7.66 -5.27
N ASN A 532 10.10 7.55 -5.67
CA ASN A 532 10.73 8.61 -6.42
C ASN A 532 10.20 8.73 -7.85
N LEU A 533 9.53 7.69 -8.35
CA LEU A 533 9.08 7.69 -9.74
C LEU A 533 7.58 7.76 -9.93
N ASP A 534 6.79 7.17 -9.02
CA ASP A 534 5.36 7.00 -9.26
C ASP A 534 4.48 7.90 -8.41
N SER A 535 5.06 8.87 -7.70
CA SER A 535 4.27 9.78 -6.89
C SER A 535 4.50 11.21 -7.36
N LYS A 536 3.52 12.06 -7.05
CA LYS A 536 3.57 13.45 -7.47
C LYS A 536 2.76 14.27 -6.47
N VAL A 537 3.20 15.52 -6.25
CA VAL A 537 2.48 16.41 -5.35
C VAL A 537 1.06 16.59 -5.86
N GLY A 538 0.08 16.41 -4.96
CA GLY A 538 -1.30 16.46 -5.32
C GLY A 538 -1.93 15.13 -5.65
N GLY A 539 -1.13 14.11 -5.94
CA GLY A 539 -1.64 12.79 -6.19
C GLY A 539 -1.48 12.36 -7.63
N ASN A 540 -1.03 11.12 -7.84
CA ASN A 540 -0.94 10.52 -9.16
C ASN A 540 -2.12 9.56 -9.32
N TYR A 541 -3.09 9.92 -10.16
CA TYR A 541 -4.31 9.16 -10.30
C TYR A 541 -4.27 8.10 -11.39
N ASN A 542 -3.15 7.95 -12.09
CA ASN A 542 -3.14 7.08 -13.26
C ASN A 542 -3.10 5.60 -12.90
N TYR A 543 -2.75 5.25 -11.66
CA TYR A 543 -2.72 3.85 -11.24
C TYR A 543 -4.05 3.48 -10.59
N LEU A 544 -4.63 2.36 -11.03
CA LEU A 544 -5.95 1.94 -10.57
C LEU A 544 -5.89 0.49 -10.13
N TYR A 545 -6.83 0.10 -9.27
CA TYR A 545 -6.99 -1.30 -8.92
C TYR A 545 -8.46 -1.67 -8.92
N ARG A 546 -8.75 -2.92 -9.26
CA ARG A 546 -10.13 -3.39 -9.32
C ARG A 546 -10.70 -3.56 -7.93
N LEU A 547 -11.88 -2.99 -7.70
CA LEU A 547 -12.50 -3.00 -6.38
C LEU A 547 -13.76 -3.84 -6.30
N PHE A 548 -14.42 -4.13 -7.41
CA PHE A 548 -15.65 -4.91 -7.41
C PHE A 548 -15.61 -5.96 -8.51
N ARG A 549 -16.14 -7.15 -8.21
CA ARG A 549 -16.28 -8.20 -9.19
C ARG A 549 -17.28 -9.23 -8.67
N LYS A 550 -18.01 -9.84 -9.59
CA LYS A 550 -19.07 -10.77 -9.20
C LYS A 550 -18.51 -12.01 -8.50
N SER A 551 -17.38 -12.54 -8.98
CA SER A 551 -16.81 -13.75 -8.40
C SER A 551 -15.30 -13.61 -8.32
N ASN A 552 -14.69 -14.45 -7.49
CA ASN A 552 -13.25 -14.43 -7.34
C ASN A 552 -12.56 -14.82 -8.64
N LEU A 553 -11.50 -14.09 -8.97
CA LEU A 553 -10.74 -14.30 -10.18
C LEU A 553 -9.97 -15.62 -10.15
N LYS A 554 -10.00 -16.35 -11.27
CA LYS A 554 -9.23 -17.58 -11.38
C LYS A 554 -7.75 -17.26 -11.54
N PRO A 555 -6.85 -18.15 -11.10
CA PRO A 555 -5.42 -17.82 -11.12
C PRO A 555 -4.90 -17.51 -12.51
N PHE A 556 -4.03 -16.50 -12.58
CA PHE A 556 -3.42 -16.04 -13.82
C PHE A 556 -4.45 -15.62 -14.88
N GLU A 557 -5.47 -14.88 -14.45
CA GLU A 557 -6.48 -14.33 -15.33
C GLU A 557 -6.55 -12.82 -15.18
N ARG A 558 -6.70 -12.11 -16.31
CA ARG A 558 -6.74 -10.65 -16.32
C ARG A 558 -7.99 -10.13 -17.05
N ASP A 559 -9.12 -10.05 -16.35
CA ASP A 559 -10.29 -9.39 -16.93
C ASP A 559 -10.14 -7.86 -16.83
N ILE A 560 -10.36 -7.18 -17.96
CA ILE A 560 -10.19 -5.73 -18.00
C ILE A 560 -11.49 -5.06 -18.39
N SER A 561 -12.61 -5.69 -18.04
CA SER A 561 -13.90 -5.07 -18.30
C SER A 561 -14.11 -3.88 -17.37
N THR A 562 -14.88 -2.90 -17.85
CA THR A 562 -15.15 -1.69 -17.09
C THR A 562 -16.64 -1.37 -17.06
N GLU A 563 -17.49 -2.39 -17.05
CA GLU A 563 -18.92 -2.16 -16.98
C GLU A 563 -19.33 -1.79 -15.56
N ILE A 564 -20.40 -1.00 -15.47
CA ILE A 564 -20.93 -0.60 -14.18
C ILE A 564 -21.34 -1.82 -13.38
N TYR A 565 -20.87 -1.89 -12.14
CA TYR A 565 -21.15 -3.01 -11.25
C TYR A 565 -22.29 -2.62 -10.32
N GLN A 566 -23.36 -3.42 -10.31
CA GLN A 566 -24.52 -3.12 -9.50
C GLN A 566 -24.39 -3.81 -8.15
N ALA A 567 -24.29 -3.02 -7.09
CA ALA A 567 -24.12 -3.55 -5.75
C ALA A 567 -25.41 -3.58 -4.94
N GLY A 568 -26.43 -2.85 -5.36
CA GLY A 568 -27.65 -2.77 -4.57
C GLY A 568 -28.85 -3.32 -5.31
N SER A 569 -30.03 -3.14 -4.72
CA SER A 569 -31.25 -3.66 -5.32
C SER A 569 -31.55 -2.97 -6.65
N THR A 570 -31.31 -1.67 -6.73
CA THR A 570 -31.70 -0.90 -7.90
C THR A 570 -30.95 -1.40 -9.14
N PRO A 571 -31.65 -1.71 -10.23
CA PRO A 571 -30.96 -2.05 -11.47
C PRO A 571 -30.17 -0.86 -11.99
N CYS A 572 -29.04 -1.14 -12.60
CA CYS A 572 -28.12 -0.11 -13.07
C CYS A 572 -28.07 -0.16 -14.59
N ASN A 573 -28.20 1.00 -15.22
CA ASN A 573 -28.02 1.07 -16.67
C ASN A 573 -26.97 2.10 -17.07
N GLY A 574 -25.75 1.92 -16.56
CA GLY A 574 -24.63 2.70 -17.05
C GLY A 574 -24.48 4.09 -16.44
N VAL A 575 -25.38 4.51 -15.57
CA VAL A 575 -25.25 5.81 -14.90
C VAL A 575 -24.93 5.55 -13.44
N GLU A 576 -23.74 5.99 -13.03
CA GLU A 576 -23.29 5.73 -11.66
C GLU A 576 -24.14 6.53 -10.67
N GLY A 577 -24.65 5.84 -9.67
CA GLY A 577 -25.52 6.43 -8.66
C GLY A 577 -25.05 5.96 -7.29
N PHE A 578 -25.89 6.06 -6.27
CA PHE A 578 -25.48 5.58 -4.96
C PHE A 578 -25.18 4.09 -4.97
N ASN A 579 -25.97 3.31 -5.70
CA ASN A 579 -25.82 1.87 -5.72
C ASN A 579 -25.20 1.34 -7.00
N CYS A 580 -24.74 2.23 -7.88
CA CYS A 580 -24.13 1.83 -9.14
C CYS A 580 -22.70 2.36 -9.14
N TYR A 581 -21.73 1.49 -8.92
CA TYR A 581 -20.34 1.89 -8.76
C TYR A 581 -19.56 1.66 -10.05
N PHE A 582 -18.69 2.59 -10.36
CA PHE A 582 -17.64 2.33 -11.33
C PHE A 582 -16.62 1.37 -10.71
N PRO A 583 -16.28 0.27 -11.38
CA PRO A 583 -15.56 -0.80 -10.68
C PRO A 583 -14.11 -0.49 -10.36
N LEU A 584 -13.52 0.55 -10.93
CA LEU A 584 -12.12 0.85 -10.69
C LEU A 584 -11.95 1.96 -9.67
N GLN A 585 -10.83 1.92 -8.95
CA GLN A 585 -10.55 2.90 -7.90
C GLN A 585 -9.10 3.36 -8.02
N SER A 586 -8.89 4.66 -8.06
CA SER A 586 -7.55 5.21 -8.13
C SER A 586 -6.84 5.12 -6.79
N TYR A 587 -5.53 4.88 -6.84
CA TYR A 587 -4.74 4.79 -5.62
C TYR A 587 -4.50 6.16 -5.00
N GLY A 588 -4.16 7.15 -5.82
CA GLY A 588 -3.86 8.47 -5.29
C GLY A 588 -2.55 8.53 -4.53
N PHE A 589 -1.46 8.15 -5.18
CA PHE A 589 -0.16 8.11 -4.52
C PHE A 589 0.37 9.51 -4.27
N GLN A 590 0.89 9.73 -3.07
CA GLN A 590 1.47 11.02 -2.70
C GLN A 590 2.83 10.83 -2.08
N PRO A 591 3.76 11.77 -2.30
CA PRO A 591 5.06 11.68 -1.63
C PRO A 591 4.98 11.80 -0.12
N THR A 592 4.08 12.64 0.38
CA THR A 592 3.95 12.81 1.84
C THR A 592 3.54 11.52 2.53
N ASN A 593 2.87 10.62 1.80
CA ASN A 593 2.36 9.39 2.41
C ASN A 593 3.48 8.61 3.08
N GLY A 594 3.14 7.91 4.15
CA GLY A 594 4.12 7.15 4.87
C GLY A 594 4.61 5.97 4.06
N VAL A 595 5.68 5.35 4.54
CA VAL A 595 6.32 4.28 3.78
C VAL A 595 5.34 3.14 3.53
N GLY A 596 4.52 2.82 4.52
CA GLY A 596 3.51 1.79 4.33
C GLY A 596 2.57 2.07 3.17
N TYR A 597 2.33 3.33 2.86
CA TYR A 597 1.42 3.69 1.78
C TYR A 597 2.10 4.10 0.49
N GLN A 598 3.43 4.08 0.42
CA GLN A 598 4.09 4.52 -0.80
C GLN A 598 3.96 3.46 -1.89
N PRO A 599 4.05 3.85 -3.16
CA PRO A 599 3.89 2.88 -4.24
C PRO A 599 5.08 1.94 -4.33
N TYR A 600 4.78 0.66 -4.56
CA TYR A 600 5.79 -0.38 -4.76
C TYR A 600 5.59 -1.03 -6.10
N ARG A 601 6.68 -1.17 -6.87
CA ARG A 601 6.64 -1.93 -8.10
C ARG A 601 6.92 -3.39 -7.79
N VAL A 602 6.17 -4.28 -8.40
CA VAL A 602 6.26 -5.70 -8.13
C VAL A 602 6.53 -6.43 -9.44
N VAL A 603 7.44 -7.40 -9.40
CA VAL A 603 7.70 -8.30 -10.51
C VAL A 603 7.62 -9.72 -9.98
N VAL A 604 6.83 -10.56 -10.63
CA VAL A 604 6.65 -11.94 -10.22
C VAL A 604 7.25 -12.83 -11.30
N LEU A 605 8.24 -13.63 -10.91
CA LEU A 605 8.87 -14.58 -11.81
C LEU A 605 8.23 -15.95 -11.59
N SER A 606 7.70 -16.53 -12.66
CA SER A 606 7.10 -17.86 -12.61
C SER A 606 7.95 -18.81 -13.43
N PHE A 607 8.22 -19.99 -12.88
CA PHE A 607 9.10 -20.97 -13.50
C PHE A 607 8.28 -22.17 -13.93
N GLU A 608 8.06 -22.31 -15.23
CA GLU A 608 7.38 -23.47 -15.78
C GLU A 608 8.39 -24.30 -16.57
N LEU A 609 8.25 -25.62 -16.50
CA LEU A 609 9.16 -26.54 -17.17
C LEU A 609 8.31 -27.50 -18.00
N LEU A 610 8.25 -27.27 -19.30
CA LEU A 610 7.40 -28.08 -20.16
C LEU A 610 8.20 -29.26 -20.71
N HIS A 611 7.62 -29.95 -21.69
CA HIS A 611 8.32 -31.03 -22.40
C HIS A 611 8.96 -30.43 -23.64
N ALA A 612 10.14 -29.87 -23.45
CA ALA A 612 10.82 -29.11 -24.50
C ALA A 612 12.25 -28.85 -24.05
N PRO A 613 13.14 -28.47 -24.97
CA PRO A 613 14.51 -28.15 -24.56
C PRO A 613 14.52 -26.97 -23.60
N ALA A 614 15.14 -27.16 -22.45
CA ALA A 614 15.26 -26.11 -21.44
C ALA A 614 16.52 -25.30 -21.75
N THR A 615 16.34 -24.17 -22.44
CA THR A 615 17.47 -23.32 -22.80
C THR A 615 17.64 -22.14 -21.86
N VAL A 616 17.00 -22.17 -20.68
CA VAL A 616 17.24 -21.18 -19.65
C VAL A 616 17.88 -21.92 -18.48
N CYS A 617 19.15 -21.65 -18.23
CA CYS A 617 19.93 -22.35 -17.23
C CYS A 617 20.79 -21.34 -16.49
N GLY A 618 21.75 -21.84 -15.73
CA GLY A 618 22.68 -21.00 -15.02
C GLY A 618 23.91 -20.76 -15.87
N PRO A 619 24.63 -19.68 -15.61
CA PRO A 619 25.76 -19.33 -16.47
C PRO A 619 27.07 -20.02 -16.14
N LYS A 620 27.04 -21.08 -15.34
CA LYS A 620 28.30 -21.67 -14.90
C LYS A 620 28.62 -22.92 -15.71
N VAL B 2 -3.61 13.19 8.16
CA VAL B 2 -4.86 13.93 8.00
C VAL B 2 -5.78 13.63 9.18
N GLN B 3 -6.56 14.63 9.59
CA GLN B 3 -7.48 14.48 10.70
C GLN B 3 -8.92 14.76 10.26
N LEU B 4 -9.86 13.99 10.80
CA LEU B 4 -11.28 14.16 10.53
C LEU B 4 -11.98 14.31 11.87
N GLN B 5 -12.71 15.40 12.03
CA GLN B 5 -13.44 15.68 13.26
C GLN B 5 -14.94 15.77 13.01
N GLU B 6 -15.72 15.23 13.93
CA GLU B 6 -17.17 15.18 13.83
C GLU B 6 -17.77 16.03 14.94
N SER B 7 -18.81 16.77 14.60
CA SER B 7 -19.44 17.67 15.57
C SER B 7 -20.91 17.83 15.23
N GLY B 8 -21.66 18.35 16.19
CA GLY B 8 -23.07 18.60 16.01
C GLY B 8 -23.99 17.47 16.41
N GLY B 9 -23.47 16.39 16.98
CA GLY B 9 -24.35 15.33 17.46
C GLY B 9 -25.24 15.83 18.58
N GLY B 10 -26.52 15.49 18.48
CA GLY B 10 -27.49 16.01 19.44
C GLY B 10 -28.73 15.16 19.52
N LEU B 11 -29.52 15.43 20.55
CA LEU B 11 -30.81 14.79 20.76
C LEU B 11 -31.90 15.78 20.38
N VAL B 12 -32.78 15.38 19.47
CA VAL B 12 -33.84 16.25 18.98
C VAL B 12 -35.16 15.50 18.97
N GLN B 13 -36.25 16.25 19.01
CA GLN B 13 -37.57 15.64 18.90
C GLN B 13 -37.85 15.20 17.47
N PRO B 14 -38.72 14.21 17.28
CA PRO B 14 -39.11 13.81 15.92
C PRO B 14 -39.57 15.01 15.10
N GLY B 15 -39.14 15.05 13.84
CA GLY B 15 -39.46 16.14 12.98
C GLY B 15 -38.47 17.29 13.02
N GLY B 16 -37.56 17.29 13.99
CA GLY B 16 -36.59 18.35 14.12
C GLY B 16 -35.52 18.26 13.05
N SER B 17 -34.55 19.16 13.16
CA SER B 17 -33.48 19.25 12.19
C SER B 17 -32.14 19.23 12.92
N LEU B 18 -31.09 18.94 12.16
CA LEU B 18 -29.75 18.92 12.70
C LEU B 18 -28.78 19.33 11.61
N ARG B 19 -27.54 19.63 12.01
CA ARG B 19 -26.48 19.91 11.06
C ARG B 19 -25.20 19.32 11.61
N LEU B 20 -24.66 18.33 10.91
CA LEU B 20 -23.40 17.72 11.28
C LEU B 20 -22.27 18.37 10.49
N SER B 21 -21.14 18.57 11.15
CA SER B 21 -19.96 19.15 10.52
C SER B 21 -18.81 18.15 10.54
N CYS B 22 -17.96 18.24 9.53
CA CYS B 22 -16.77 17.39 9.44
C CYS B 22 -15.60 18.25 9.02
N ALA B 23 -14.65 18.45 9.93
CA ALA B 23 -13.49 19.27 9.63
C ALA B 23 -12.45 18.45 8.87
N VAL B 24 -12.03 18.96 7.72
CA VAL B 24 -11.06 18.28 6.86
C VAL B 24 -9.74 19.02 6.94
N SER B 25 -8.69 18.32 7.35
CA SER B 25 -7.38 18.93 7.52
C SER B 25 -6.28 18.05 6.93
N GLY B 26 -5.30 18.70 6.30
CA GLY B 26 -4.11 18.02 5.81
C GLY B 26 -4.23 17.28 4.49
N PHE B 27 -5.34 17.37 3.78
CA PHE B 27 -5.49 16.69 2.50
C PHE B 27 -4.98 17.59 1.38
N THR B 28 -3.91 17.15 0.72
CA THR B 28 -3.34 17.89 -0.39
C THR B 28 -3.82 17.35 -1.72
N LEU B 29 -4.67 16.33 -1.70
CA LEU B 29 -5.15 15.71 -2.93
C LEU B 29 -5.95 16.73 -3.74
N ASP B 30 -5.68 16.77 -5.04
CA ASP B 30 -6.38 17.71 -5.91
C ASP B 30 -7.86 17.38 -5.99
N TYR B 31 -8.21 16.09 -6.06
CA TYR B 31 -9.60 15.69 -6.22
C TYR B 31 -9.89 14.52 -5.29
N TYR B 32 -10.77 14.73 -4.31
CA TYR B 32 -11.19 13.68 -3.41
C TYR B 32 -12.70 13.74 -3.24
N ALA B 33 -13.24 12.77 -2.50
CA ALA B 33 -14.67 12.71 -2.22
C ALA B 33 -14.88 12.50 -0.73
N ILE B 34 -15.92 13.13 -0.19
CA ILE B 34 -16.27 13.03 1.22
C ILE B 34 -17.59 12.29 1.33
N GLY B 35 -17.65 11.28 2.18
CA GLY B 35 -18.85 10.49 2.37
C GLY B 35 -19.31 10.49 3.82
N TRP B 36 -20.64 10.48 3.99
CA TRP B 36 -21.25 10.32 5.30
C TRP B 36 -21.84 8.92 5.41
N PHE B 37 -21.49 8.22 6.47
CA PHE B 37 -22.01 6.88 6.75
C PHE B 37 -22.75 6.90 8.06
N ARG B 38 -23.48 5.82 8.33
CA ARG B 38 -24.18 5.68 9.58
C ARG B 38 -24.14 4.22 10.01
N GLN B 39 -24.14 4.01 11.32
CA GLN B 39 -24.07 2.67 11.91
C GLN B 39 -25.11 2.59 13.01
N ALA B 40 -26.14 1.82 12.79
CA ALA B 40 -27.20 1.67 13.76
C ALA B 40 -26.90 0.52 14.72
N PRO B 41 -27.49 0.53 15.90
CA PRO B 41 -27.31 -0.61 16.80
C PRO B 41 -27.89 -1.87 16.17
N GLY B 42 -27.11 -2.95 16.22
CA GLY B 42 -27.55 -4.22 15.70
C GLY B 42 -27.38 -4.42 14.21
N LYS B 43 -26.90 -3.41 13.47
CA LYS B 43 -26.77 -3.52 12.03
C LYS B 43 -25.38 -3.07 11.59
N GLU B 44 -25.06 -3.38 10.35
CA GLU B 44 -23.79 -3.01 9.76
C GLU B 44 -23.80 -1.56 9.29
N ARG B 45 -22.61 -1.05 8.99
CA ARG B 45 -22.48 0.32 8.52
C ARG B 45 -23.14 0.48 7.16
N GLU B 46 -23.66 1.68 6.90
CA GLU B 46 -24.41 1.96 5.68
C GLU B 46 -24.07 3.35 5.16
N GLY B 47 -23.97 3.47 3.84
CA GLY B 47 -23.75 4.78 3.24
C GLY B 47 -25.00 5.63 3.29
N VAL B 48 -24.79 6.93 3.50
CA VAL B 48 -25.87 7.91 3.51
C VAL B 48 -25.69 8.98 2.44
N SER B 49 -24.47 9.49 2.28
CA SER B 49 -24.25 10.59 1.34
C SER B 49 -22.82 10.53 0.82
N CYS B 50 -22.61 11.18 -0.32
CA CYS B 50 -21.30 11.26 -0.94
C CYS B 50 -21.23 12.48 -1.85
N ILE B 51 -20.22 13.31 -1.65
CA ILE B 51 -20.12 14.58 -2.36
C ILE B 51 -18.70 14.75 -2.86
N SER B 52 -18.56 15.51 -3.94
CA SER B 52 -17.26 15.82 -4.51
C SER B 52 -16.59 16.91 -3.70
N SER B 53 -15.28 17.06 -3.88
CA SER B 53 -14.59 18.18 -3.24
C SER B 53 -15.15 19.49 -3.73
N SER B 54 -15.45 19.59 -5.03
CA SER B 54 -16.08 20.78 -5.58
C SER B 54 -17.46 20.97 -4.97
N GLY B 55 -18.17 19.87 -4.73
CA GLY B 55 -19.52 19.90 -4.22
C GLY B 55 -20.58 19.90 -5.30
N GLY B 56 -20.19 19.79 -6.57
CA GLY B 56 -21.16 19.76 -7.65
C GLY B 56 -22.07 18.55 -7.62
N ASN B 57 -21.53 17.38 -7.28
CA ASN B 57 -22.28 16.14 -7.34
C ASN B 57 -22.64 15.65 -5.95
N THR B 58 -23.92 15.42 -5.70
CA THR B 58 -24.42 14.87 -4.45
C THR B 58 -25.22 13.61 -4.74
N LYS B 59 -24.93 12.53 -4.01
CA LYS B 59 -25.63 11.26 -4.16
C LYS B 59 -26.21 10.87 -2.80
N TYR B 60 -27.48 10.49 -2.77
CA TYR B 60 -28.11 10.07 -1.54
C TYR B 60 -28.76 8.70 -1.68
N ALA B 61 -28.72 7.95 -0.57
CA ALA B 61 -29.40 6.66 -0.50
C ALA B 61 -30.91 6.87 -0.56
N ASP B 62 -31.60 5.85 -1.09
CA ASP B 62 -33.03 5.97 -1.33
C ASP B 62 -33.81 6.32 -0.07
N SER B 63 -33.43 5.75 1.08
CA SER B 63 -34.18 6.01 2.31
C SER B 63 -34.11 7.48 2.70
N VAL B 64 -32.94 8.10 2.59
CA VAL B 64 -32.77 9.48 3.02
C VAL B 64 -33.04 10.50 1.92
N LYS B 65 -33.33 10.05 0.70
CA LYS B 65 -33.49 10.97 -0.42
C LYS B 65 -34.64 11.94 -0.17
N GLY B 66 -34.38 13.23 -0.38
CA GLY B 66 -35.38 14.26 -0.20
C GLY B 66 -35.42 14.86 1.20
N ARG B 67 -34.71 14.27 2.16
CA ARG B 67 -34.62 14.80 3.51
C ARG B 67 -33.22 15.22 3.91
N PHE B 68 -32.19 14.80 3.19
CA PHE B 68 -30.80 15.08 3.54
C PHE B 68 -30.17 15.91 2.44
N THR B 69 -29.51 17.00 2.82
CA THR B 69 -28.82 17.85 1.87
C THR B 69 -27.36 17.96 2.27
N ALA B 70 -26.47 17.70 1.31
CA ALA B 70 -25.03 17.76 1.55
C ALA B 70 -24.45 18.99 0.87
N SER B 71 -23.69 19.79 1.61
CA SER B 71 -23.14 21.02 1.06
C SER B 71 -21.73 21.22 1.59
N ARG B 72 -20.99 22.11 0.93
CA ARG B 72 -19.64 22.47 1.32
C ARG B 72 -19.54 23.98 1.50
N ASP B 73 -18.82 24.40 2.54
CA ASP B 73 -18.59 25.83 2.74
C ASP B 73 -17.63 26.38 1.71
N ASN B 74 -17.84 27.65 1.36
CA ASN B 74 -17.05 28.32 0.33
C ASN B 74 -15.82 29.00 0.89
N ALA B 75 -15.70 29.13 2.21
CA ALA B 75 -14.56 29.76 2.83
C ALA B 75 -13.78 28.83 3.76
N LYS B 76 -14.24 27.60 3.95
CA LYS B 76 -13.57 26.65 4.82
C LYS B 76 -13.65 25.27 4.20
N ASN B 77 -12.73 24.40 4.61
CA ASN B 77 -12.75 23.00 4.17
C ASN B 77 -13.57 22.16 5.14
N THR B 78 -14.84 22.53 5.31
CA THR B 78 -15.75 21.82 6.20
C THR B 78 -17.00 21.43 5.44
N PHE B 79 -17.42 20.17 5.56
CA PHE B 79 -18.57 19.65 4.85
C PHE B 79 -19.72 19.38 5.80
N TYR B 80 -20.93 19.71 5.36
CA TYR B 80 -22.12 19.64 6.18
C TYR B 80 -23.10 18.61 5.65
N LEU B 81 -23.83 17.98 6.56
CA LEU B 81 -24.93 17.09 6.24
C LEU B 81 -26.15 17.63 7.00
N GLN B 82 -27.05 18.28 6.28
CA GLN B 82 -28.27 18.82 6.85
C GLN B 82 -29.34 17.74 6.86
N MET B 83 -29.88 17.45 8.05
CA MET B 83 -30.89 16.42 8.22
C MET B 83 -32.19 17.06 8.68
N ASN B 84 -33.20 17.05 7.82
CA ASN B 84 -34.50 17.58 8.15
C ASN B 84 -35.52 16.45 8.24
N SER B 85 -36.57 16.68 9.02
CA SER B 85 -37.66 15.73 9.17
C SER B 85 -37.15 14.35 9.58
N LEU B 86 -36.32 14.32 10.60
CA LEU B 86 -35.75 13.07 11.08
C LEU B 86 -36.83 12.13 11.59
N LYS B 87 -36.58 10.84 11.44
CA LYS B 87 -37.45 9.79 11.95
C LYS B 87 -36.68 8.96 12.96
N PRO B 88 -37.37 8.31 13.90
CA PRO B 88 -36.64 7.59 14.95
C PRO B 88 -35.69 6.54 14.40
N GLU B 89 -36.03 5.91 13.28
CA GLU B 89 -35.16 4.88 12.71
C GLU B 89 -33.81 5.44 12.27
N ASP B 90 -33.68 6.75 12.15
CA ASP B 90 -32.42 7.33 11.71
C ASP B 90 -31.38 7.40 12.82
N THR B 91 -31.69 6.94 14.03
CA THR B 91 -30.73 7.01 15.12
C THR B 91 -29.57 6.06 14.88
N ALA B 92 -28.35 6.60 14.96
CA ALA B 92 -27.14 5.85 14.66
C ALA B 92 -25.94 6.72 14.99
N VAL B 93 -24.76 6.13 14.90
CA VAL B 93 -23.51 6.87 14.92
C VAL B 93 -23.14 7.24 13.48
N TYR B 94 -22.85 8.52 13.24
CA TYR B 94 -22.53 8.99 11.91
C TYR B 94 -21.02 9.19 11.78
N TYR B 95 -20.46 8.74 10.68
CA TYR B 95 -19.03 8.78 10.45
C TYR B 95 -18.69 9.61 9.20
N CYS B 96 -17.67 10.43 9.31
CA CYS B 96 -17.11 11.13 8.15
C CYS B 96 -15.97 10.32 7.58
N ALA B 97 -15.90 10.24 6.25
CA ALA B 97 -14.84 9.48 5.59
C ALA B 97 -14.46 10.14 4.29
N ALA B 98 -13.17 10.03 3.94
CA ALA B 98 -12.64 10.58 2.71
C ALA B 98 -12.03 9.50 1.83
N ILE B 99 -12.11 9.69 0.51
CA ILE B 99 -11.50 8.78 -0.44
C ILE B 99 -11.06 9.57 -1.66
N ALA B 100 -10.02 9.10 -2.32
CA ALA B 100 -9.55 9.70 -3.56
C ALA B 100 -10.54 9.47 -4.70
N ALA B 101 -10.58 10.42 -5.61
CA ALA B 101 -11.39 10.29 -6.82
C ALA B 101 -10.66 9.43 -7.86
N THR B 102 -11.44 8.89 -8.79
CA THR B 102 -10.93 8.01 -9.83
C THR B 102 -10.86 8.75 -11.15
N TYR B 103 -9.69 8.72 -11.79
CA TYR B 103 -9.48 9.34 -13.09
C TYR B 103 -9.33 8.26 -14.14
N TYR B 104 -10.21 8.26 -15.14
CA TYR B 104 -10.10 7.28 -16.21
C TYR B 104 -10.58 7.88 -17.52
N SER B 105 -9.76 7.75 -18.55
CA SER B 105 -10.09 8.18 -19.91
C SER B 105 -10.71 9.57 -19.96
N GLY B 106 -10.07 10.51 -19.28
CA GLY B 106 -10.52 11.89 -19.37
C GLY B 106 -11.82 12.20 -18.67
N SER B 107 -12.25 11.37 -17.74
CA SER B 107 -13.47 11.64 -16.99
C SER B 107 -13.26 11.27 -15.53
N TYR B 108 -13.68 12.14 -14.63
CA TYR B 108 -13.56 11.91 -13.20
C TYR B 108 -14.84 11.32 -12.63
N TYR B 109 -14.70 10.37 -11.70
CA TYR B 109 -15.82 9.77 -11.00
C TYR B 109 -15.66 10.00 -9.51
N PHE B 110 -16.73 10.45 -8.86
CA PHE B 110 -16.75 10.70 -7.41
C PHE B 110 -17.75 9.75 -6.78
N GLN B 111 -17.26 8.68 -6.16
CA GLN B 111 -18.11 7.70 -5.51
C GLN B 111 -17.57 7.42 -4.11
N CYS B 112 -18.38 6.73 -3.31
CA CYS B 112 -18.03 6.39 -1.93
C CYS B 112 -18.24 4.90 -1.70
N PRO B 113 -17.34 4.06 -2.21
CA PRO B 113 -17.44 2.63 -1.91
C PRO B 113 -16.99 2.36 -0.49
N HIS B 114 -17.76 1.55 0.23
CA HIS B 114 -17.50 1.33 1.64
C HIS B 114 -16.08 0.82 1.87
N ASP B 115 -15.67 -0.22 1.14
CA ASP B 115 -14.38 -0.84 1.37
C ASP B 115 -13.21 0.01 0.91
N GLY B 116 -13.46 1.07 0.14
CA GLY B 116 -12.37 1.87 -0.37
C GLY B 116 -11.97 3.08 0.43
N MET B 117 -12.78 3.48 1.41
CA MET B 117 -12.48 4.69 2.17
C MET B 117 -11.14 4.58 2.87
N ASP B 118 -10.37 5.67 2.81
CA ASP B 118 -9.01 5.66 3.33
C ASP B 118 -8.91 6.18 4.75
N TYR B 119 -9.76 7.12 5.15
CA TYR B 119 -9.69 7.71 6.47
C TYR B 119 -11.09 7.79 7.07
N TRP B 120 -11.17 7.60 8.38
CA TRP B 120 -12.44 7.63 9.09
C TRP B 120 -12.37 8.60 10.25
N GLY B 121 -13.53 9.16 10.60
CA GLY B 121 -13.67 9.95 11.79
C GLY B 121 -14.10 9.12 12.99
N LYS B 122 -14.16 9.79 14.15
CA LYS B 122 -14.49 9.09 15.38
C LYS B 122 -15.99 8.91 15.58
N GLY B 123 -16.81 9.72 14.91
CA GLY B 123 -18.24 9.51 14.98
C GLY B 123 -18.93 10.09 16.20
N THR B 124 -20.20 10.46 16.06
CA THR B 124 -21.00 10.97 17.16
C THR B 124 -22.39 10.35 17.10
N GLN B 125 -22.95 10.08 18.27
CA GLN B 125 -24.26 9.43 18.35
C GLN B 125 -25.37 10.44 18.19
N VAL B 126 -26.41 10.06 17.44
CA VAL B 126 -27.59 10.89 17.26
C VAL B 126 -28.81 10.04 17.59
N THR B 127 -29.55 10.44 18.62
CA THR B 127 -30.74 9.73 19.07
C THR B 127 -31.94 10.67 18.97
N VAL B 128 -33.02 10.18 18.39
CA VAL B 128 -34.24 10.96 18.19
C VAL B 128 -35.37 10.26 18.93
N SER B 129 -35.72 10.75 20.11
CA SER B 129 -36.78 10.18 20.91
C SER B 129 -37.76 11.28 21.32
N SER B 130 -38.77 10.88 22.08
CA SER B 130 -39.78 11.82 22.56
C SER B 130 -39.92 11.75 24.07
N GLN C 1 -0.47 -2.88 16.29
CA GLN C 1 0.01 -4.00 17.08
C GLN C 1 1.49 -3.87 17.38
N VAL C 2 2.29 -3.64 16.34
CA VAL C 2 3.74 -3.56 16.44
C VAL C 2 4.16 -2.10 16.27
N GLN C 3 5.00 -1.62 17.18
CA GLN C 3 5.46 -0.25 17.17
C GLN C 3 6.98 -0.20 17.14
N LEU C 4 7.52 0.58 16.21
CA LEU C 4 8.96 0.78 16.08
C LEU C 4 9.29 2.25 16.34
N GLN C 5 10.20 2.51 17.27
CA GLN C 5 10.57 3.86 17.64
C GLN C 5 12.03 4.10 17.34
N GLU C 6 12.33 5.19 16.63
CA GLU C 6 13.68 5.51 16.20
C GLU C 6 14.30 6.55 17.13
N SER C 7 15.44 6.22 17.72
CA SER C 7 16.11 7.10 18.67
C SER C 7 17.53 7.37 18.21
N GLY C 8 17.94 8.62 18.27
CA GLY C 8 19.28 9.02 17.89
C GLY C 8 19.28 9.86 16.62
N GLY C 9 20.48 10.29 16.25
CA GLY C 9 20.66 11.07 15.06
C GLY C 9 20.80 12.55 15.34
N GLY C 10 20.55 13.33 14.31
CA GLY C 10 20.71 14.77 14.37
C GLY C 10 21.84 15.34 13.55
N LEU C 11 22.53 16.34 14.08
CA LEU C 11 23.64 16.99 13.42
C LEU C 11 24.95 16.42 13.93
N VAL C 12 25.72 15.81 13.05
CA VAL C 12 26.98 15.18 13.43
C VAL C 12 28.06 15.65 12.48
N GLN C 13 29.27 15.80 13.00
CA GLN C 13 30.38 16.20 12.18
C GLN C 13 30.82 15.02 11.30
N PRO C 14 31.51 15.29 10.19
CA PRO C 14 32.02 14.18 9.39
C PRO C 14 32.98 13.34 10.24
N GLY C 15 32.87 12.03 10.09
CA GLY C 15 33.62 11.12 10.92
C GLY C 15 32.95 10.85 12.25
N GLY C 16 31.79 11.45 12.49
CA GLY C 16 31.08 11.24 13.73
C GLY C 16 30.42 9.88 13.80
N SER C 17 30.23 9.40 15.03
CA SER C 17 29.60 8.12 15.29
C SER C 17 28.21 8.33 15.88
N LEU C 18 27.21 7.71 15.26
CA LEU C 18 25.83 7.77 15.72
C LEU C 18 25.33 6.35 15.96
N ARG C 19 24.69 6.14 17.10
CA ARG C 19 24.14 4.82 17.44
C ARG C 19 22.63 4.89 17.40
N LEU C 20 22.05 4.40 16.30
CA LEU C 20 20.60 4.38 16.15
C LEU C 20 20.00 3.20 16.91
N SER C 21 18.81 3.41 17.48
CA SER C 21 18.17 2.36 18.27
C SER C 21 16.67 2.33 17.98
N CYS C 22 16.16 1.15 17.64
CA CYS C 22 14.74 0.88 17.59
C CYS C 22 14.35 -0.06 18.73
N ALA C 23 13.15 0.13 19.26
CA ALA C 23 12.56 -0.80 20.21
C ALA C 23 11.18 -1.19 19.72
N ALA C 24 10.93 -2.50 19.66
CA ALA C 24 9.66 -3.00 19.14
C ALA C 24 8.98 -3.85 20.20
N SER C 25 7.80 -3.43 20.63
CA SER C 25 6.96 -4.20 21.52
C SER C 25 5.73 -4.69 20.76
N GLY C 26 5.22 -5.84 21.16
CA GLY C 26 4.03 -6.38 20.55
C GLY C 26 4.23 -7.66 19.76
N PHE C 27 5.45 -8.18 19.70
CA PHE C 27 5.67 -9.46 19.06
C PHE C 27 6.93 -10.09 19.64
N THR C 28 7.06 -11.39 19.44
CA THR C 28 8.26 -12.10 19.86
C THR C 28 9.42 -11.61 18.99
N PHE C 29 10.25 -10.76 19.56
CA PHE C 29 11.37 -10.17 18.83
C PHE C 29 12.48 -11.15 18.57
N ARG C 30 12.51 -12.27 19.28
CA ARG C 30 13.66 -13.15 19.22
C ARG C 30 13.90 -13.73 17.83
N ARG C 31 12.82 -14.08 17.10
CA ARG C 31 12.99 -14.77 15.81
C ARG C 31 12.26 -14.02 14.71
N TYR C 32 12.87 -12.94 14.22
CA TYR C 32 12.35 -12.21 13.07
C TYR C 32 13.46 -11.34 12.51
N LEU C 33 13.59 -11.35 11.18
CA LEU C 33 14.57 -10.48 10.55
C LEU C 33 14.27 -9.02 10.86
N MET C 34 15.31 -8.27 11.19
CA MET C 34 15.23 -6.84 11.43
C MET C 34 16.27 -6.16 10.55
N GLY C 35 15.97 -4.94 10.11
CA GLY C 35 16.90 -4.25 9.25
C GLY C 35 16.67 -2.76 9.22
N TRP C 36 17.73 -2.04 8.85
CA TRP C 36 17.72 -0.59 8.73
C TRP C 36 17.77 -0.20 7.26
N ALA C 37 16.90 0.72 6.86
CA ALA C 37 16.75 1.09 5.47
C ALA C 37 16.85 2.60 5.33
N ARG C 38 17.56 3.05 4.30
CA ARG C 38 17.92 4.44 4.12
C ARG C 38 17.17 5.01 2.92
N GLN C 39 16.71 6.26 3.05
CA GLN C 39 15.97 6.94 1.98
C GLN C 39 16.59 8.32 1.77
N VAL C 40 17.66 8.36 0.97
CA VAL C 40 18.25 9.65 0.61
C VAL C 40 17.23 10.45 -0.20
N PRO C 41 16.97 11.71 0.13
CA PRO C 41 15.98 12.47 -0.63
C PRO C 41 16.38 12.56 -2.10
N GLY C 42 15.42 12.30 -2.98
CA GLY C 42 15.70 12.16 -4.39
C GLY C 42 15.85 10.73 -4.87
N LYS C 43 15.52 9.75 -4.04
CA LYS C 43 15.65 8.35 -4.38
C LYS C 43 14.62 7.54 -3.60
N GLY C 44 14.62 6.24 -3.83
CA GLY C 44 13.76 5.32 -3.10
C GLY C 44 14.51 4.65 -1.96
N LEU C 45 13.78 3.84 -1.20
CA LEU C 45 14.38 3.16 -0.07
C LEU C 45 15.50 2.23 -0.51
N GLU C 46 16.60 2.26 0.23
CA GLU C 46 17.74 1.39 0.01
C GLU C 46 18.00 0.63 1.30
N TRP C 47 18.20 -0.67 1.19
CA TRP C 47 18.30 -1.54 2.37
C TRP C 47 19.76 -1.58 2.80
N VAL C 48 20.09 -0.82 3.85
CA VAL C 48 21.49 -0.74 4.29
C VAL C 48 21.95 -2.06 4.88
N SER C 49 21.27 -2.53 5.92
CA SER C 49 21.76 -3.70 6.65
C SER C 49 20.60 -4.38 7.36
N GLY C 50 20.84 -5.62 7.75
CA GLY C 50 19.86 -6.37 8.53
C GLY C 50 20.54 -7.54 9.21
N ILE C 51 19.87 -8.05 10.24
CA ILE C 51 20.34 -9.24 10.95
C ILE C 51 19.21 -10.25 11.03
N TYR C 52 19.53 -11.51 10.77
CA TYR C 52 18.55 -12.58 10.84
C TYR C 52 18.48 -13.17 12.25
N SER C 53 17.55 -14.11 12.43
CA SER C 53 17.35 -14.70 13.75
C SER C 53 18.55 -15.50 14.22
N ASP C 54 19.39 -15.99 13.30
CA ASP C 54 20.53 -16.81 13.63
C ASP C 54 21.85 -16.05 13.57
N GLY C 55 21.80 -14.73 13.62
CA GLY C 55 23.01 -13.95 13.64
C GLY C 55 23.65 -13.72 12.29
N SER C 56 23.06 -14.25 11.22
CA SER C 56 23.55 -13.93 9.88
C SER C 56 23.37 -12.44 9.62
N THR C 57 24.42 -11.81 9.11
CA THR C 57 24.43 -10.37 8.91
C THR C 57 24.57 -10.05 7.43
N TYR C 58 23.96 -8.94 7.02
CA TYR C 58 24.03 -8.48 5.63
C TYR C 58 24.32 -7.00 5.58
N TYR C 59 25.29 -6.62 4.76
CA TYR C 59 25.69 -5.24 4.62
C TYR C 59 25.63 -4.87 3.15
N ALA C 60 25.55 -3.57 2.88
CA ALA C 60 25.61 -3.07 1.51
C ALA C 60 27.02 -2.65 1.17
N ASP C 61 27.30 -2.56 -0.13
CA ASP C 61 28.65 -2.22 -0.58
C ASP C 61 29.06 -0.83 -0.11
N SER C 62 28.12 0.12 -0.12
CA SER C 62 28.44 1.47 0.30
C SER C 62 28.84 1.52 1.77
N VAL C 63 28.13 0.75 2.62
CA VAL C 63 28.33 0.81 4.06
C VAL C 63 29.20 -0.30 4.60
N LYS C 64 29.71 -1.19 3.74
CA LYS C 64 30.49 -2.31 4.23
C LYS C 64 31.75 -1.82 4.92
N GLY C 65 32.00 -2.33 6.11
CA GLY C 65 33.12 -1.85 6.91
C GLY C 65 32.72 -0.73 7.84
N ARG C 66 32.04 0.28 7.30
CA ARG C 66 31.63 1.44 8.10
C ARG C 66 30.66 1.05 9.20
N PHE C 67 29.69 0.20 8.90
CA PHE C 67 28.57 -0.05 9.80
C PHE C 67 28.72 -1.37 10.55
N THR C 68 28.02 -1.45 11.68
CA THR C 68 27.91 -2.64 12.49
C THR C 68 26.48 -2.75 12.99
N ILE C 69 25.88 -3.92 12.88
CA ILE C 69 24.52 -4.15 13.39
C ILE C 69 24.57 -5.15 14.54
N SER C 70 23.82 -4.85 15.59
CA SER C 70 23.73 -5.69 16.78
C SER C 70 22.28 -5.98 17.11
N ARG C 71 21.98 -7.25 17.38
CA ARG C 71 20.65 -7.68 17.82
C ARG C 71 20.72 -8.12 19.27
N ASP C 72 20.01 -7.42 20.14
CA ASP C 72 20.10 -7.67 21.58
C ASP C 72 19.36 -8.92 22.00
N ASN C 73 19.87 -9.54 23.06
CA ASN C 73 19.28 -10.70 23.72
C ASN C 73 18.62 -10.27 25.03
N ALA C 74 17.41 -10.80 25.27
CA ALA C 74 16.58 -10.46 26.43
C ALA C 74 16.16 -9.01 26.40
N LYS C 75 16.19 -8.44 25.20
CA LYS C 75 15.74 -7.10 24.95
C LYS C 75 15.18 -7.08 23.54
N ASN C 76 14.37 -6.08 23.25
CA ASN C 76 13.77 -5.98 21.94
C ASN C 76 14.25 -4.68 21.30
N THR C 77 15.56 -4.47 21.29
CA THR C 77 16.15 -3.34 20.60
C THR C 77 17.30 -3.80 19.71
N VAL C 78 17.33 -3.30 18.48
CA VAL C 78 18.41 -3.54 17.54
C VAL C 78 19.23 -2.27 17.41
N TYR C 79 20.54 -2.42 17.37
CA TYR C 79 21.43 -1.28 17.38
C TYR C 79 22.19 -1.22 16.06
N LEU C 80 22.28 -0.02 15.51
CA LEU C 80 22.97 0.23 14.24
C LEU C 80 24.00 1.31 14.51
N GLN C 81 25.27 1.01 14.26
CA GLN C 81 26.35 1.92 14.61
C GLN C 81 27.11 2.31 13.35
N MET C 82 27.14 3.62 13.06
CA MET C 82 27.76 4.16 11.87
C MET C 82 28.99 4.97 12.27
N ASN C 83 30.08 4.78 11.57
CA ASN C 83 31.31 5.51 11.84
C ASN C 83 31.84 6.15 10.56
N SER C 84 32.62 7.22 10.73
CA SER C 84 33.23 7.94 9.61
C SER C 84 32.17 8.42 8.63
N LEU C 85 31.11 9.02 9.16
CA LEU C 85 30.03 9.51 8.32
C LEU C 85 30.51 10.58 7.35
N LYS C 86 29.97 10.54 6.14
CA LYS C 86 30.31 11.45 5.06
C LYS C 86 29.01 12.03 4.51
N PRO C 87 29.06 13.23 3.90
CA PRO C 87 27.83 13.89 3.44
C PRO C 87 26.82 13.01 2.73
N GLU C 88 27.30 11.95 2.07
CA GLU C 88 26.42 11.08 1.30
C GLU C 88 25.41 10.32 2.15
N ASP C 89 25.55 10.32 3.46
CA ASP C 89 24.64 9.55 4.31
C ASP C 89 23.46 10.36 4.81
N THR C 90 23.38 11.66 4.51
CA THR C 90 22.26 12.46 4.98
C THR C 90 20.95 11.91 4.45
N ALA C 91 20.11 11.36 5.31
CA ALA C 91 18.91 10.64 4.88
C ALA C 91 18.06 10.34 6.11
N VAL C 92 17.05 9.51 5.92
CA VAL C 92 16.19 9.03 6.99
C VAL C 92 16.34 7.53 7.07
N TYR C 93 16.41 7.00 8.28
CA TYR C 93 16.64 5.57 8.51
C TYR C 93 15.45 4.96 9.21
N TYR C 94 14.97 3.83 8.69
CA TYR C 94 13.78 3.17 9.20
C TYR C 94 14.14 1.76 9.69
N CYS C 95 13.29 1.22 10.55
CA CYS C 95 13.40 -0.16 11.00
C CYS C 95 12.27 -0.98 10.40
N ALA C 96 12.50 -2.29 10.27
CA ALA C 96 11.57 -3.12 9.53
C ALA C 96 11.53 -4.54 10.07
N LYS C 97 10.31 -5.06 10.23
CA LYS C 97 10.06 -6.39 10.77
C LYS C 97 9.67 -7.32 9.63
N ASP C 98 10.51 -8.31 9.34
CA ASP C 98 10.16 -9.28 8.32
C ASP C 98 8.89 -10.02 8.72
N ARG C 99 8.08 -10.37 7.71
CA ARG C 99 6.76 -10.94 7.98
C ARG C 99 6.76 -12.46 8.15
N MET C 100 7.91 -13.12 8.04
CA MET C 100 7.96 -14.56 8.19
C MET C 100 9.11 -14.94 9.11
N ASP C 101 8.94 -16.07 9.80
CA ASP C 101 9.92 -16.51 10.77
C ASP C 101 10.97 -17.40 10.12
N GLY C 102 12.15 -17.43 10.74
CA GLY C 102 13.23 -18.30 10.33
C GLY C 102 13.67 -18.11 8.89
N SER C 103 13.86 -16.86 8.48
CA SER C 103 14.32 -16.59 7.13
C SER C 103 15.81 -16.94 7.00
N THR C 104 16.25 -17.01 5.74
CA THR C 104 17.63 -17.30 5.40
C THR C 104 18.22 -16.09 4.65
N TRP C 105 19.39 -16.29 4.06
CA TRP C 105 20.14 -15.14 3.52
C TRP C 105 19.37 -14.35 2.48
N PRO C 106 18.90 -14.93 1.37
CA PRO C 106 18.29 -14.10 0.32
C PRO C 106 16.79 -13.93 0.42
N GLU C 107 16.18 -14.17 1.57
CA GLU C 107 14.73 -14.06 1.71
C GLU C 107 14.40 -12.92 2.67
N ARG C 108 14.01 -11.79 2.11
CA ARG C 108 13.65 -10.60 2.87
C ARG C 108 12.24 -10.14 2.52
N ASP C 109 11.42 -9.88 3.55
CA ASP C 109 10.06 -9.34 3.33
C ASP C 109 9.73 -8.33 4.44
N PHE C 110 10.16 -7.08 4.27
CA PHE C 110 9.98 -6.05 5.29
C PHE C 110 8.60 -5.38 5.18
N GLY C 111 7.61 -6.02 5.78
CA GLY C 111 6.28 -5.43 5.81
C GLY C 111 6.16 -4.23 6.74
N SER C 112 6.44 -4.43 8.03
CA SER C 112 6.29 -3.35 9.01
C SER C 112 7.35 -2.28 8.82
N TRP C 113 6.96 -1.02 8.97
CA TRP C 113 7.88 0.10 8.84
C TRP C 113 7.74 1.06 10.01
N GLY C 114 8.88 1.46 10.58
CA GLY C 114 8.90 2.42 11.66
C GLY C 114 8.88 3.85 11.15
N GLN C 115 8.70 4.79 12.08
CA GLN C 115 8.75 6.22 11.77
C GLN C 115 10.19 6.70 11.88
N GLY C 116 10.90 6.60 10.77
CA GLY C 116 12.34 6.85 10.78
C GLY C 116 12.71 8.29 11.11
N THR C 117 13.80 8.43 11.86
CA THR C 117 14.40 9.73 12.16
C THR C 117 15.34 10.16 11.04
N GLN C 118 15.60 11.47 10.99
CA GLN C 118 16.48 12.04 9.98
C GLN C 118 17.87 12.26 10.55
N VAL C 119 18.88 11.82 9.82
CA VAL C 119 20.28 11.99 10.19
C VAL C 119 20.91 13.00 9.25
N THR C 120 21.57 14.01 9.82
CA THR C 120 22.18 15.07 9.03
C THR C 120 23.68 15.08 9.30
N VAL C 121 24.47 15.03 8.24
CA VAL C 121 25.93 15.05 8.34
C VAL C 121 26.44 16.27 7.59
N SER C 122 26.62 17.36 8.30
CA SER C 122 27.13 18.60 7.74
C SER C 122 28.44 18.97 8.42
N SER C 123 28.91 20.18 8.17
CA SER C 123 30.11 20.69 8.81
C SER C 123 30.30 22.16 8.56
#